data_1FCU
#
_entry.id   1FCU
#
_cell.length_a   71.157
_cell.length_b   71.157
_cell.length_c   152.064
_cell.angle_alpha   90.00
_cell.angle_beta   90.00
_cell.angle_gamma   120.00
#
_symmetry.space_group_name_H-M   'P 32 2 1'
#
loop_
_entity.id
_entity.type
_entity.pdbx_description
1 polymer HYALURONOGLUCOSAMINIDASE
2 water water
#
_entity_poly.entity_id   1
_entity_poly.type   'polypeptide(L)'
_entity_poly.pdbx_seq_one_letter_code
;TPDNNKTVREFNVYWNVPTFMCHKYGLRFEEVSEKYGILQNWMDKFRGEEIAILYDPGMFPALLKDPNGNVVARNGGVPQ
LGNLTKHLQVFRDHLINQIPDKSFPGVGVIDFESWRPIFRQNWASLQPYKKLSVEVVRREHPFWDDQRVEQEAKRRFEKY
GQLFMEETLKAAKRMRPAANWGYYAYPYCYNLTPNQPSAQCEATTMQENDKMSWLFESEDVLLPSVYLRWNLTSGERVGL
VGGRVKEALRIARQMTTSRKKVLPYYWYKYQDRRDTDLSRADLEATLRKITDLGADGFIIWGSSDDINTKAKCLQFREYL
NNELGPAVKRIALNNNANDRLTVDVSVDQV
;
_entity_poly.pdbx_strand_id   A
#
# COMPACT_ATOMS: atom_id res chain seq x y z
N GLU A 10 -21.08 0.86 9.43
CA GLU A 10 -20.05 0.03 10.09
C GLU A 10 -18.66 0.64 9.92
N PHE A 11 -17.81 0.30 10.88
CA PHE A 11 -16.42 0.71 10.92
C PHE A 11 -15.61 -0.49 11.40
N ASN A 12 -14.67 -0.96 10.58
CA ASN A 12 -13.89 -2.13 10.98
C ASN A 12 -12.40 -1.89 10.99
N VAL A 13 -11.74 -2.20 12.10
CA VAL A 13 -10.29 -2.07 12.24
C VAL A 13 -9.67 -3.44 12.00
N TYR A 14 -8.65 -3.56 11.16
CA TYR A 14 -8.00 -4.84 10.87
C TYR A 14 -6.62 -4.91 11.48
N TRP A 15 -6.20 -6.07 11.95
CA TRP A 15 -4.85 -6.23 12.49
C TRP A 15 -3.90 -6.81 11.43
N ASN A 16 -2.90 -6.04 11.05
CA ASN A 16 -1.95 -6.50 10.05
C ASN A 16 -0.53 -6.32 10.56
N VAL A 17 -0.37 -6.62 11.85
CA VAL A 17 0.94 -6.54 12.51
C VAL A 17 1.40 -7.98 12.59
N PRO A 18 2.64 -8.28 12.30
CA PRO A 18 3.12 -9.66 12.29
C PRO A 18 3.46 -10.19 13.65
N THR A 19 2.49 -10.23 14.57
CA THR A 19 2.62 -10.69 15.92
C THR A 19 2.71 -12.22 16.03
N PHE A 20 2.57 -12.94 14.93
CA PHE A 20 2.84 -14.36 14.82
C PHE A 20 4.29 -14.62 15.19
N MET A 21 5.19 -13.67 14.96
CA MET A 21 6.59 -13.83 15.33
C MET A 21 6.85 -13.88 16.83
N CYS A 22 5.90 -13.45 17.64
CA CYS A 22 6.03 -13.45 19.10
C CYS A 22 5.51 -14.70 19.75
N HIS A 23 4.72 -15.49 19.00
CA HIS A 23 4.08 -16.69 19.54
C HIS A 23 5.07 -17.69 20.10
N LYS A 24 6.29 -17.85 19.56
CA LYS A 24 7.23 -18.78 20.16
C LYS A 24 7.76 -18.31 21.53
N TYR A 25 7.47 -17.07 21.96
CA TYR A 25 7.80 -16.67 23.32
C TYR A 25 6.55 -16.76 24.20
N GLY A 26 5.42 -17.27 23.68
CA GLY A 26 4.20 -17.42 24.43
C GLY A 26 3.23 -16.24 24.35
N LEU A 27 3.51 -15.24 23.51
CA LEU A 27 2.62 -14.09 23.39
C LEU A 27 1.83 -14.24 22.09
N ARG A 28 0.54 -14.45 22.24
CA ARG A 28 -0.35 -14.76 21.15
C ARG A 28 -1.30 -13.61 20.83
N PHE A 29 -1.19 -12.52 21.56
CA PHE A 29 -1.99 -11.32 21.28
C PHE A 29 -3.49 -11.51 21.13
N GLU A 30 -4.11 -12.43 21.85
CA GLU A 30 -5.54 -12.67 21.84
C GLU A 30 -6.38 -11.45 22.18
N GLU A 31 -5.87 -10.53 22.99
CA GLU A 31 -6.62 -9.33 23.34
C GLU A 31 -6.88 -8.42 22.16
N VAL A 32 -6.14 -8.52 21.04
CA VAL A 32 -6.44 -7.68 19.88
C VAL A 32 -7.93 -7.73 19.58
N SER A 33 -8.51 -8.92 19.39
CA SER A 33 -9.94 -9.04 19.15
C SER A 33 -10.77 -9.25 20.41
N GLU A 34 -10.25 -9.99 21.39
CA GLU A 34 -10.96 -10.24 22.63
C GLU A 34 -11.28 -8.99 23.43
N LYS A 35 -10.38 -8.04 23.63
CA LYS A 35 -10.71 -6.86 24.40
C LYS A 35 -11.03 -5.61 23.59
N TYR A 36 -10.27 -5.39 22.51
CA TYR A 36 -10.41 -4.18 21.72
C TYR A 36 -11.28 -4.22 20.48
N GLY A 37 -11.80 -5.36 20.07
CA GLY A 37 -12.71 -5.47 18.96
C GLY A 37 -12.09 -5.36 17.59
N ILE A 38 -10.76 -5.44 17.50
CA ILE A 38 -10.07 -5.38 16.21
C ILE A 38 -10.24 -6.70 15.45
N LEU A 39 -10.61 -6.68 14.17
CA LEU A 39 -10.71 -7.93 13.40
C LEU A 39 -9.31 -8.53 13.26
N GLN A 40 -9.17 -9.82 13.55
CA GLN A 40 -7.92 -10.53 13.61
C GLN A 40 -8.00 -11.94 13.05
N ASN A 41 -7.06 -12.35 12.19
CA ASN A 41 -7.08 -13.72 11.67
C ASN A 41 -7.12 -14.72 12.84
N TRP A 42 -7.87 -15.80 12.69
CA TRP A 42 -7.98 -16.87 13.68
C TRP A 42 -6.60 -17.32 14.14
N MET A 43 -6.41 -17.43 15.44
CA MET A 43 -5.16 -17.82 16.06
C MET A 43 -4.01 -16.86 15.81
N ASP A 44 -4.27 -15.59 15.52
CA ASP A 44 -3.27 -14.57 15.21
C ASP A 44 -2.34 -14.98 14.07
N LYS A 45 -2.84 -15.68 13.06
CA LYS A 45 -1.98 -15.97 11.89
C LYS A 45 -1.81 -14.70 11.07
N PHE A 46 -0.70 -14.61 10.36
CA PHE A 46 -0.42 -13.42 9.56
C PHE A 46 -1.36 -13.35 8.36
N ARG A 47 -1.51 -14.47 7.67
CA ARG A 47 -2.48 -14.55 6.57
C ARG A 47 -3.65 -15.44 6.96
N GLY A 48 -4.90 -15.02 6.79
CA GLY A 48 -6.02 -15.86 7.22
C GLY A 48 -7.34 -15.41 6.57
N GLU A 49 -8.45 -15.62 7.27
CA GLU A 49 -9.76 -15.25 6.73
C GLU A 49 -10.06 -13.76 6.77
N GLU A 50 -9.48 -12.94 7.63
CA GLU A 50 -9.79 -11.53 7.70
C GLU A 50 -8.92 -10.68 6.78
N ILE A 51 -7.62 -10.98 6.72
CA ILE A 51 -6.74 -10.15 5.88
C ILE A 51 -5.48 -10.90 5.49
N ALA A 52 -4.95 -10.59 4.32
CA ALA A 52 -3.72 -11.19 3.83
C ALA A 52 -3.00 -10.16 2.96
N ILE A 53 -1.74 -9.91 3.21
CA ILE A 53 -0.99 -8.93 2.41
C ILE A 53 -0.02 -9.76 1.59
N LEU A 54 0.30 -9.42 0.37
CA LEU A 54 1.23 -10.18 -0.46
C LEU A 54 2.31 -9.17 -0.86
N TYR A 55 3.51 -9.37 -0.37
CA TYR A 55 4.60 -8.45 -0.65
C TYR A 55 5.27 -8.81 -1.98
N ASP A 56 5.30 -7.87 -2.91
CA ASP A 56 5.97 -8.09 -4.20
C ASP A 56 5.66 -9.41 -4.86
N PRO A 57 4.40 -9.72 -5.13
CA PRO A 57 4.02 -11.02 -5.67
C PRO A 57 4.21 -11.19 -7.16
N GLY A 58 4.31 -12.44 -7.61
CA GLY A 58 4.49 -12.73 -9.03
C GLY A 58 5.90 -12.30 -9.39
N MET A 59 6.13 -11.73 -10.55
CA MET A 59 7.44 -11.25 -10.95
C MET A 59 7.33 -9.92 -11.69
N PHE A 60 6.89 -8.86 -10.98
CA PHE A 60 6.76 -7.56 -11.62
C PHE A 60 8.13 -7.08 -12.12
N PRO A 61 8.13 -6.52 -13.32
CA PRO A 61 9.35 -5.91 -13.85
C PRO A 61 9.80 -4.86 -12.84
N ALA A 62 11.07 -4.85 -12.47
CA ALA A 62 11.62 -3.92 -11.50
C ALA A 62 13.11 -3.72 -11.72
N LEU A 63 13.65 -2.57 -11.32
CA LEU A 63 15.08 -2.34 -11.38
C LEU A 63 15.69 -2.53 -10.00
N LEU A 64 16.62 -3.47 -9.86
CA LEU A 64 17.24 -3.73 -8.58
C LEU A 64 18.74 -3.43 -8.61
N LYS A 65 19.22 -2.98 -7.46
CA LYS A 65 20.66 -2.64 -7.37
C LYS A 65 21.29 -3.71 -6.48
N ASP A 66 22.39 -4.28 -6.99
CA ASP A 66 23.13 -5.31 -6.26
C ASP A 66 24.02 -4.59 -5.24
N PRO A 67 24.53 -5.37 -4.29
CA PRO A 67 25.60 -4.94 -3.40
C PRO A 67 26.88 -4.72 -4.19
N ASN A 68 27.10 -5.48 -5.27
CA ASN A 68 28.18 -5.37 -6.22
C ASN A 68 28.18 -4.05 -6.96
N GLY A 69 27.07 -3.33 -6.92
CA GLY A 69 26.87 -2.04 -7.52
C GLY A 69 25.98 -2.08 -8.75
N ASN A 70 25.91 -3.24 -9.40
CA ASN A 70 25.17 -3.33 -10.64
C ASN A 70 23.66 -3.28 -10.48
N VAL A 71 23.06 -2.89 -11.60
CA VAL A 71 21.62 -2.81 -11.75
C VAL A 71 21.15 -4.13 -12.34
N VAL A 72 20.26 -4.79 -11.59
CA VAL A 72 19.68 -6.04 -12.03
C VAL A 72 18.28 -5.76 -12.58
N ALA A 73 17.99 -6.18 -13.79
CA ALA A 73 16.66 -5.90 -14.36
C ALA A 73 15.76 -7.12 -14.24
N ARG A 74 14.95 -7.24 -13.20
CA ARG A 74 14.07 -8.38 -13.05
C ARG A 74 12.93 -8.32 -14.07
N ASN A 75 12.72 -9.38 -14.83
CA ASN A 75 11.69 -9.41 -15.86
C ASN A 75 11.61 -8.14 -16.70
N GLY A 76 12.73 -7.67 -17.24
CA GLY A 76 12.77 -6.52 -18.09
C GLY A 76 13.16 -5.18 -17.51
N GLY A 77 13.01 -4.94 -16.21
CA GLY A 77 13.32 -3.61 -15.65
C GLY A 77 12.06 -2.74 -15.71
N VAL A 78 11.65 -2.33 -16.89
CA VAL A 78 10.47 -1.53 -17.17
C VAL A 78 9.42 -2.47 -17.78
N PRO A 79 8.14 -2.20 -17.53
CA PRO A 79 7.03 -3.03 -17.95
C PRO A 79 6.85 -3.26 -19.43
N GLN A 80 7.24 -2.34 -20.31
CA GLN A 80 7.19 -2.54 -21.76
C GLN A 80 8.15 -3.63 -22.20
N LEU A 81 9.17 -3.96 -21.42
CA LEU A 81 10.12 -5.00 -21.74
C LEU A 81 9.86 -6.30 -20.98
N GLY A 82 8.77 -6.37 -20.23
CA GLY A 82 8.46 -7.56 -19.45
C GLY A 82 7.55 -8.57 -20.11
N ASN A 83 7.64 -9.79 -19.57
CA ASN A 83 6.82 -10.91 -19.97
C ASN A 83 5.65 -11.07 -18.99
N LEU A 84 4.45 -10.75 -19.46
CA LEU A 84 3.22 -10.84 -18.69
C LEU A 84 2.86 -12.26 -18.28
N THR A 85 2.99 -13.20 -19.23
CA THR A 85 2.59 -14.58 -18.91
C THR A 85 3.52 -15.16 -17.86
N LYS A 86 4.82 -14.88 -17.89
CA LYS A 86 5.68 -15.40 -16.82
C LYS A 86 5.29 -14.80 -15.48
N HIS A 87 5.08 -13.48 -15.43
CA HIS A 87 4.61 -12.81 -14.23
C HIS A 87 3.33 -13.48 -13.73
N LEU A 88 2.34 -13.55 -14.61
CA LEU A 88 1.06 -14.14 -14.23
C LEU A 88 1.13 -15.55 -13.69
N GLN A 89 1.97 -16.43 -14.21
CA GLN A 89 2.06 -17.79 -13.66
C GLN A 89 2.71 -17.81 -12.28
N VAL A 90 3.79 -17.06 -12.07
CA VAL A 90 4.40 -16.98 -10.74
C VAL A 90 3.41 -16.38 -9.74
N PHE A 91 2.69 -15.32 -10.16
CA PHE A 91 1.69 -14.70 -9.30
C PHE A 91 0.68 -15.74 -8.84
N ARG A 92 0.29 -16.64 -9.73
CA ARG A 92 -0.59 -17.75 -9.43
C ARG A 92 -0.05 -18.64 -8.32
N ASP A 93 1.22 -19.03 -8.40
CA ASP A 93 1.83 -19.87 -7.38
C ASP A 93 1.84 -19.16 -6.02
N HIS A 94 2.21 -17.88 -6.01
CA HIS A 94 2.27 -17.15 -4.76
C HIS A 94 0.89 -17.06 -4.12
N LEU A 95 -0.10 -16.73 -4.93
CA LEU A 95 -1.47 -16.65 -4.44
C LEU A 95 -1.96 -17.97 -3.87
N ILE A 96 -1.82 -19.05 -4.63
CA ILE A 96 -2.20 -20.38 -4.16
C ILE A 96 -1.54 -20.71 -2.83
N ASN A 97 -0.23 -20.47 -2.69
CA ASN A 97 0.44 -20.82 -1.45
C ASN A 97 0.14 -19.94 -0.25
N GLN A 98 0.03 -18.64 -0.44
CA GLN A 98 -0.23 -17.71 0.65
C GLN A 98 -1.68 -17.60 1.01
N ILE A 99 -2.59 -17.83 0.06
CA ILE A 99 -4.03 -17.80 0.34
C ILE A 99 -4.68 -19.08 -0.18
N PRO A 100 -4.46 -20.23 0.46
CA PRO A 100 -4.88 -21.52 -0.05
C PRO A 100 -6.38 -21.75 -0.19
N ASP A 101 -7.18 -21.11 0.65
CA ASP A 101 -8.61 -21.17 0.67
C ASP A 101 -9.24 -20.30 -0.42
N LYS A 102 -9.95 -20.98 -1.31
CA LYS A 102 -10.62 -20.35 -2.44
C LYS A 102 -11.78 -19.46 -2.05
N SER A 103 -12.40 -19.66 -0.89
CA SER A 103 -13.51 -18.84 -0.44
C SER A 103 -13.07 -17.73 0.51
N PHE A 104 -11.76 -17.45 0.53
CA PHE A 104 -11.24 -16.34 1.32
C PHE A 104 -12.10 -15.11 1.08
N PRO A 105 -12.83 -14.66 2.09
CA PRO A 105 -13.69 -13.50 1.98
C PRO A 105 -13.10 -12.21 2.57
N GLY A 106 -11.83 -12.20 2.92
CA GLY A 106 -11.20 -11.10 3.62
C GLY A 106 -10.66 -9.97 2.76
N VAL A 107 -9.87 -9.07 3.36
CA VAL A 107 -9.24 -8.00 2.60
C VAL A 107 -7.97 -8.59 1.97
N GLY A 108 -7.80 -8.46 0.68
CA GLY A 108 -6.64 -8.98 -0.03
C GLY A 108 -5.80 -7.78 -0.45
N VAL A 109 -4.57 -7.67 0.05
CA VAL A 109 -3.79 -6.45 -0.22
C VAL A 109 -2.62 -6.83 -1.11
N ILE A 110 -2.43 -6.18 -2.25
CA ILE A 110 -1.26 -6.52 -3.10
C ILE A 110 -0.25 -5.39 -2.85
N ASP A 111 0.92 -5.70 -2.31
CA ASP A 111 1.90 -4.64 -2.03
C ASP A 111 2.96 -4.64 -3.15
N PHE A 112 2.79 -3.71 -4.08
CA PHE A 112 3.67 -3.57 -5.23
C PHE A 112 4.07 -2.12 -5.32
N GLU A 113 5.36 -1.83 -5.15
CA GLU A 113 5.85 -0.46 -5.09
C GLU A 113 7.08 -0.22 -5.94
N SER A 114 7.38 -1.07 -6.91
CA SER A 114 8.58 -0.86 -7.73
C SER A 114 8.49 0.41 -8.56
N TRP A 115 7.33 0.67 -9.13
CA TRP A 115 7.15 1.81 -10.01
C TRP A 115 5.69 2.23 -9.97
N ARG A 116 5.40 3.45 -10.41
CA ARG A 116 4.05 3.98 -10.52
C ARG A 116 3.67 3.84 -12.00
N PRO A 117 2.40 3.67 -12.27
CA PRO A 117 1.94 3.49 -13.64
C PRO A 117 1.90 4.74 -14.48
N ILE A 118 1.88 5.91 -13.84
CA ILE A 118 1.95 7.20 -14.48
C ILE A 118 3.45 7.54 -14.62
N PHE A 119 3.88 7.78 -15.85
CA PHE A 119 5.29 8.05 -16.13
C PHE A 119 5.85 9.21 -15.31
N ARG A 120 5.14 10.35 -15.25
CA ARG A 120 5.56 11.50 -14.49
C ARG A 120 5.80 11.25 -13.01
N GLN A 121 4.97 10.44 -12.35
CA GLN A 121 5.10 10.17 -10.94
C GLN A 121 6.33 9.38 -10.51
N ASN A 122 7.12 8.87 -11.44
CA ASN A 122 8.32 8.12 -11.19
C ASN A 122 9.51 9.07 -11.00
N TRP A 123 9.42 9.92 -9.98
CA TRP A 123 10.45 10.90 -9.71
C TRP A 123 11.41 10.43 -8.60
N ALA A 124 12.31 11.35 -8.26
CA ALA A 124 13.36 11.12 -7.27
C ALA A 124 13.99 9.75 -7.45
N SER A 125 13.90 8.84 -6.49
CA SER A 125 14.52 7.53 -6.60
C SER A 125 13.94 6.64 -7.68
N LEU A 126 12.78 6.92 -8.23
CA LEU A 126 12.21 6.10 -9.29
C LEU A 126 12.55 6.61 -10.67
N GLN A 127 13.43 7.62 -10.77
CA GLN A 127 13.86 8.24 -12.02
C GLN A 127 14.51 7.30 -13.01
N PRO A 128 15.32 6.34 -12.58
CA PRO A 128 15.89 5.33 -13.47
C PRO A 128 14.87 4.68 -14.38
N TYR A 129 13.59 4.55 -13.99
CA TYR A 129 12.58 3.97 -14.87
C TYR A 129 12.29 4.88 -16.05
N LYS A 130 12.33 6.20 -15.85
CA LYS A 130 12.15 7.11 -16.99
C LYS A 130 13.38 7.01 -17.91
N LYS A 131 14.56 7.10 -17.34
CA LYS A 131 15.82 7.07 -18.05
C LYS A 131 15.97 5.87 -18.99
N LEU A 132 15.76 4.68 -18.41
CA LEU A 132 15.84 3.46 -19.21
C LEU A 132 14.71 3.34 -20.22
N SER A 133 13.54 3.90 -19.91
CA SER A 133 12.44 3.81 -20.88
C SER A 133 12.87 4.60 -22.14
N VAL A 134 13.41 5.79 -21.87
CA VAL A 134 13.88 6.69 -22.92
C VAL A 134 15.05 6.12 -23.69
N GLU A 135 16.00 5.53 -22.98
CA GLU A 135 17.21 4.92 -23.51
C GLU A 135 16.95 3.83 -24.54
N VAL A 136 15.99 2.96 -24.27
CA VAL A 136 15.61 1.88 -25.16
C VAL A 136 15.10 2.40 -26.50
N VAL A 137 14.31 3.47 -26.43
CA VAL A 137 13.75 4.08 -27.64
C VAL A 137 14.87 4.73 -28.45
N ARG A 138 15.79 5.43 -27.82
CA ARG A 138 16.98 5.97 -28.46
C ARG A 138 17.77 4.87 -29.19
N ARG A 139 17.95 3.71 -28.58
CA ARG A 139 18.64 2.58 -29.19
C ARG A 139 17.93 2.13 -30.47
N GLU A 140 16.60 2.04 -30.46
CA GLU A 140 15.88 1.61 -31.64
C GLU A 140 15.87 2.68 -32.73
N HIS A 141 15.85 3.96 -32.37
CA HIS A 141 15.67 5.05 -33.31
C HIS A 141 16.66 6.19 -33.11
N PRO A 142 17.87 6.02 -33.61
CA PRO A 142 18.92 7.03 -33.48
C PRO A 142 18.61 8.38 -34.08
N PHE A 143 17.77 8.46 -35.12
CA PHE A 143 17.51 9.74 -35.76
C PHE A 143 16.31 10.47 -35.20
N TRP A 144 15.47 9.83 -34.38
CA TRP A 144 14.34 10.54 -33.78
C TRP A 144 14.85 11.70 -32.93
N ASP A 145 14.12 12.80 -32.91
CA ASP A 145 14.47 13.94 -32.06
C ASP A 145 14.11 13.64 -30.61
N ASP A 146 14.59 14.50 -29.71
CA ASP A 146 14.36 14.36 -28.29
C ASP A 146 12.88 14.25 -27.94
N GLN A 147 12.08 15.24 -28.33
CA GLN A 147 10.66 15.26 -28.02
C GLN A 147 9.95 13.96 -28.41
N ARG A 148 10.24 13.48 -29.60
CA ARG A 148 9.67 12.26 -30.13
C ARG A 148 10.03 11.01 -29.31
N VAL A 149 11.31 10.83 -28.97
CA VAL A 149 11.77 9.69 -28.18
C VAL A 149 11.08 9.64 -26.82
N GLU A 150 11.03 10.77 -26.17
CA GLU A 150 10.42 10.95 -24.86
C GLU A 150 8.94 10.61 -24.84
N GLN A 151 8.22 11.05 -25.85
CA GLN A 151 6.80 10.83 -26.00
C GLN A 151 6.52 9.33 -26.18
N GLU A 152 7.32 8.69 -27.03
CA GLU A 152 7.13 7.27 -27.30
C GLU A 152 7.48 6.41 -26.07
N ALA A 153 8.52 6.75 -25.33
CA ALA A 153 8.94 6.06 -24.12
C ALA A 153 7.80 6.06 -23.10
N LYS A 154 7.24 7.25 -22.89
CA LYS A 154 6.10 7.48 -22.02
C LYS A 154 4.87 6.70 -22.44
N ARG A 155 4.57 6.52 -23.71
CA ARG A 155 3.37 5.77 -24.09
C ARG A 155 3.53 4.27 -23.86
N ARG A 156 4.73 3.77 -24.10
CA ARG A 156 5.02 2.36 -23.91
C ARG A 156 5.00 2.03 -22.41
N PHE A 157 5.67 2.84 -21.58
CA PHE A 157 5.65 2.62 -20.14
C PHE A 157 4.24 2.69 -19.56
N GLU A 158 3.41 3.66 -19.96
CA GLU A 158 2.08 3.83 -19.41
C GLU A 158 1.09 2.78 -19.90
N LYS A 159 1.27 2.26 -21.10
CA LYS A 159 0.43 1.18 -21.60
C LYS A 159 0.69 -0.16 -20.91
N TYR A 160 1.97 -0.52 -20.86
CA TYR A 160 2.33 -1.82 -20.26
C TYR A 160 2.32 -1.69 -18.75
N GLY A 161 2.61 -0.52 -18.21
CA GLY A 161 2.45 -0.29 -16.76
C GLY A 161 1.01 -0.63 -16.36
N GLN A 162 0.04 -0.03 -17.03
CA GLN A 162 -1.37 -0.32 -16.84
C GLN A 162 -1.62 -1.81 -16.94
N LEU A 163 -1.23 -2.41 -18.08
CA LEU A 163 -1.43 -3.82 -18.34
C LEU A 163 -0.94 -4.73 -17.21
N PHE A 164 0.28 -4.51 -16.69
CA PHE A 164 0.76 -5.37 -15.61
C PHE A 164 -0.11 -5.27 -14.36
N MET A 165 -0.53 -4.05 -14.02
CA MET A 165 -1.35 -3.81 -12.84
C MET A 165 -2.78 -4.28 -13.02
N GLU A 166 -3.41 -3.99 -14.16
CA GLU A 166 -4.78 -4.45 -14.35
C GLU A 166 -4.90 -5.97 -14.46
N GLU A 167 -4.03 -6.62 -15.21
CA GLU A 167 -4.11 -8.08 -15.35
C GLU A 167 -3.82 -8.84 -14.09
N THR A 168 -2.96 -8.35 -13.21
CA THR A 168 -2.74 -9.05 -11.93
C THR A 168 -3.96 -8.87 -11.05
N LEU A 169 -4.62 -7.72 -11.07
CA LEU A 169 -5.79 -7.54 -10.20
C LEU A 169 -6.95 -8.41 -10.66
N LYS A 170 -7.13 -8.54 -11.97
CA LYS A 170 -8.18 -9.40 -12.49
C LYS A 170 -7.90 -10.88 -12.22
N ALA A 171 -6.63 -11.31 -12.26
CA ALA A 171 -6.31 -12.70 -11.97
C ALA A 171 -6.57 -12.99 -10.49
N ALA A 172 -6.21 -12.03 -9.61
CA ALA A 172 -6.51 -12.25 -8.19
C ALA A 172 -8.01 -12.32 -7.96
N LYS A 173 -8.78 -11.47 -8.63
CA LYS A 173 -10.22 -11.39 -8.50
C LYS A 173 -10.92 -12.65 -9.00
N ARG A 174 -10.47 -13.20 -10.11
CA ARG A 174 -10.94 -14.45 -10.69
C ARG A 174 -10.64 -15.65 -9.81
N MET A 175 -9.43 -15.76 -9.26
CA MET A 175 -9.12 -16.90 -8.40
C MET A 175 -9.67 -16.75 -7.00
N ARG A 176 -9.84 -15.53 -6.48
CA ARG A 176 -10.45 -15.41 -5.14
C ARG A 176 -11.56 -14.35 -5.23
N PRO A 177 -12.72 -14.73 -5.78
CA PRO A 177 -13.79 -13.83 -6.13
C PRO A 177 -14.60 -13.26 -4.99
N ALA A 178 -14.45 -13.75 -3.79
CA ALA A 178 -15.17 -13.26 -2.63
C ALA A 178 -14.27 -12.30 -1.82
N ALA A 179 -13.00 -12.20 -2.18
CA ALA A 179 -12.10 -11.34 -1.42
C ALA A 179 -12.25 -9.88 -1.85
N ASN A 180 -11.92 -8.95 -0.95
CA ASN A 180 -11.87 -7.53 -1.28
C ASN A 180 -10.43 -7.11 -1.61
N TRP A 181 -10.15 -6.98 -2.90
CA TRP A 181 -8.82 -6.72 -3.39
C TRP A 181 -8.42 -5.27 -3.55
N GLY A 182 -7.15 -4.97 -3.27
CA GLY A 182 -6.70 -3.57 -3.47
C GLY A 182 -5.18 -3.50 -3.49
N TYR A 183 -4.67 -2.48 -4.15
CA TYR A 183 -3.24 -2.23 -4.14
C TYR A 183 -2.86 -1.31 -2.98
N TYR A 184 -1.86 -1.75 -2.21
CA TYR A 184 -1.35 -0.90 -1.12
C TYR A 184 -0.91 0.47 -1.63
N ALA A 185 -1.29 1.54 -0.93
CA ALA A 185 -0.84 2.91 -1.14
C ALA A 185 -1.55 3.72 -2.22
N TYR A 186 -2.47 3.16 -2.99
CA TYR A 186 -3.26 3.88 -3.97
C TYR A 186 -4.59 4.24 -3.33
N PRO A 187 -5.10 5.44 -3.55
CA PRO A 187 -4.45 6.42 -4.42
C PRO A 187 -3.46 7.33 -3.70
N TYR A 188 -2.40 7.69 -4.40
CA TYR A 188 -1.42 8.66 -3.92
C TYR A 188 -1.93 10.08 -3.88
N CYS A 189 -1.23 10.97 -3.16
CA CYS A 189 -1.64 12.34 -2.88
C CYS A 189 -0.46 13.32 -2.84
N TYR A 190 0.63 12.93 -2.21
CA TYR A 190 1.90 13.64 -2.14
C TYR A 190 1.82 14.95 -1.36
N ASN A 191 0.92 15.09 -0.39
CA ASN A 191 0.81 16.27 0.47
C ASN A 191 1.96 16.22 1.46
N LEU A 192 2.50 17.37 1.89
CA LEU A 192 3.65 17.41 2.79
C LEU A 192 4.84 16.63 2.27
N THR A 193 5.09 16.64 0.98
CA THR A 193 6.20 15.90 0.35
C THR A 193 6.95 16.91 -0.49
N PRO A 194 8.22 16.70 -0.82
CA PRO A 194 8.97 17.63 -1.65
C PRO A 194 8.18 18.14 -2.84
N ASN A 195 7.46 17.30 -3.56
CA ASN A 195 6.61 17.75 -4.66
C ASN A 195 5.42 18.60 -4.27
N GLN A 196 4.79 18.49 -3.11
CA GLN A 196 3.67 19.35 -2.73
C GLN A 196 3.73 19.65 -1.23
N PRO A 197 4.35 20.77 -0.87
CA PRO A 197 4.63 21.11 0.52
C PRO A 197 3.44 21.21 1.45
N SER A 198 2.29 21.72 1.03
CA SER A 198 1.12 21.84 1.89
C SER A 198 0.39 20.51 2.12
N ALA A 199 -0.72 20.58 2.84
CA ALA A 199 -1.54 19.45 3.21
C ALA A 199 -2.60 19.02 2.20
N GLN A 200 -2.73 19.72 1.10
CA GLN A 200 -3.61 19.32 0.01
C GLN A 200 -2.80 18.45 -0.95
N CYS A 201 -3.49 17.49 -1.59
CA CYS A 201 -2.81 16.69 -2.61
C CYS A 201 -2.31 17.57 -3.73
N GLU A 202 -1.25 17.13 -4.40
CA GLU A 202 -0.72 17.89 -5.55
C GLU A 202 -1.83 17.88 -6.59
N ALA A 203 -2.17 19.01 -7.19
CA ALA A 203 -3.24 19.11 -8.16
C ALA A 203 -3.08 18.21 -9.37
N THR A 204 -1.89 18.04 -9.94
CA THR A 204 -1.73 17.19 -11.11
C THR A 204 -2.01 15.71 -10.81
N THR A 205 -1.64 15.26 -9.62
CA THR A 205 -1.89 13.90 -9.15
C THR A 205 -3.36 13.57 -9.04
N MET A 206 -4.17 14.51 -8.56
CA MET A 206 -5.63 14.26 -8.56
C MET A 206 -6.15 14.04 -9.98
N GLN A 207 -5.71 14.84 -10.96
CA GLN A 207 -6.16 14.68 -12.33
C GLN A 207 -5.68 13.32 -12.84
N GLU A 208 -4.45 12.95 -12.47
CA GLU A 208 -3.90 11.65 -12.84
C GLU A 208 -4.64 10.52 -12.16
N ASN A 209 -5.17 10.75 -10.95
CA ASN A 209 -6.00 9.78 -10.27
C ASN A 209 -7.33 9.57 -10.99
N ASP A 210 -7.88 10.63 -11.59
CA ASP A 210 -9.09 10.61 -12.38
C ASP A 210 -8.90 9.81 -13.65
N LYS A 211 -7.67 9.85 -14.16
CA LYS A 211 -7.30 9.12 -15.38
C LYS A 211 -7.05 7.65 -15.13
N MET A 212 -6.92 7.25 -13.87
CA MET A 212 -6.70 5.88 -13.44
C MET A 212 -7.96 5.19 -12.95
N SER A 213 -9.09 5.49 -13.59
CA SER A 213 -10.36 4.83 -13.32
C SER A 213 -10.34 3.35 -13.62
N TRP A 214 -9.45 2.89 -14.49
CA TRP A 214 -9.36 1.45 -14.76
C TRP A 214 -8.90 0.75 -13.49
N LEU A 215 -8.04 1.38 -12.68
CA LEU A 215 -7.59 0.76 -11.44
C LEU A 215 -8.67 0.81 -10.36
N PHE A 216 -9.13 2.02 -10.03
CA PHE A 216 -10.10 2.24 -8.97
C PHE A 216 -11.46 1.59 -9.23
N GLU A 217 -11.95 1.51 -10.46
CA GLU A 217 -13.16 0.76 -10.78
C GLU A 217 -13.02 -0.75 -10.56
N SER A 218 -11.89 -1.37 -10.84
CA SER A 218 -11.81 -2.82 -10.62
C SER A 218 -11.41 -3.24 -9.24
N GLU A 219 -10.83 -2.39 -8.38
CA GLU A 219 -10.57 -2.71 -7.00
C GLU A 219 -11.85 -2.57 -6.14
N ASP A 220 -11.79 -3.22 -5.00
CA ASP A 220 -12.84 -3.23 -4.02
C ASP A 220 -12.47 -2.24 -2.89
N VAL A 221 -11.18 -2.17 -2.54
CA VAL A 221 -10.80 -1.30 -1.41
C VAL A 221 -9.69 -0.33 -1.75
N LEU A 222 -9.82 0.91 -1.26
CA LEU A 222 -8.73 1.88 -1.54
C LEU A 222 -7.90 1.97 -0.25
N LEU A 223 -6.57 2.01 -0.37
CA LEU A 223 -5.69 1.90 0.78
C LEU A 223 -4.54 2.91 0.83
N PRO A 224 -4.86 4.19 0.92
CA PRO A 224 -3.83 5.22 1.05
C PRO A 224 -3.06 4.97 2.34
N SER A 225 -1.76 5.15 2.28
CA SER A 225 -0.86 4.97 3.44
C SER A 225 -0.77 6.28 4.20
N VAL A 226 -1.11 6.31 5.47
CA VAL A 226 -1.18 7.58 6.20
C VAL A 226 -0.20 7.59 7.36
N TYR A 227 1.04 7.23 7.07
CA TYR A 227 2.10 7.15 8.06
C TYR A 227 2.58 8.52 8.50
N LEU A 228 2.60 8.71 9.83
CA LEU A 228 3.00 9.98 10.40
C LEU A 228 4.51 10.17 10.50
N ARG A 229 4.90 11.44 10.54
CA ARG A 229 6.32 11.79 10.70
C ARG A 229 6.47 12.65 11.96
N TRP A 230 7.57 12.44 12.69
CA TRP A 230 7.77 13.23 13.90
C TRP A 230 8.14 14.66 13.56
N ASN A 231 8.99 14.88 12.55
CA ASN A 231 9.34 16.25 12.15
C ASN A 231 8.23 17.05 11.39
N LEU A 232 7.02 17.14 11.96
CA LEU A 232 5.81 17.80 11.58
C LEU A 232 5.21 18.36 12.88
N THR A 233 4.38 19.39 12.75
CA THR A 233 3.73 19.91 13.94
C THR A 233 2.52 19.00 14.13
N SER A 234 1.81 19.16 15.24
CA SER A 234 0.58 18.47 15.54
C SER A 234 -0.52 18.60 14.51
N GLY A 235 -0.78 19.83 14.07
CA GLY A 235 -1.81 20.02 13.04
C GLY A 235 -1.42 19.40 11.72
N GLU A 236 -0.14 19.45 11.31
CA GLU A 236 0.23 18.86 10.03
C GLU A 236 0.15 17.32 10.01
N ARG A 237 0.30 16.63 11.12
CA ARG A 237 0.14 15.19 11.23
C ARG A 237 -1.32 14.82 10.93
N VAL A 238 -2.24 15.65 11.39
CA VAL A 238 -3.66 15.50 11.11
C VAL A 238 -3.98 15.90 9.67
N GLY A 239 -3.39 16.99 9.16
CA GLY A 239 -3.55 17.39 7.79
C GLY A 239 -3.00 16.34 6.83
N LEU A 240 -1.90 15.71 7.19
CA LEU A 240 -1.28 14.62 6.46
C LEU A 240 -2.32 13.51 6.19
N VAL A 241 -2.97 13.00 7.19
CA VAL A 241 -4.00 11.97 7.15
C VAL A 241 -5.25 12.43 6.43
N GLY A 242 -5.75 13.58 6.88
CA GLY A 242 -6.91 14.22 6.32
C GLY A 242 -6.89 14.36 4.81
N GLY A 243 -5.83 14.91 4.25
CA GLY A 243 -5.64 15.03 2.81
C GLY A 243 -5.74 13.74 2.04
N ARG A 244 -5.00 12.72 2.44
CA ARG A 244 -4.93 11.43 1.77
C ARG A 244 -6.26 10.69 1.80
N VAL A 245 -6.96 10.73 2.93
CA VAL A 245 -8.23 10.05 3.09
C VAL A 245 -9.30 10.80 2.30
N LYS A 246 -9.29 12.14 2.28
CA LYS A 246 -10.27 12.88 1.49
C LYS A 246 -10.09 12.56 0.01
N GLU A 247 -8.88 12.42 -0.51
CA GLU A 247 -8.66 12.03 -1.88
C GLU A 247 -9.25 10.67 -2.22
N ALA A 248 -9.05 9.68 -1.34
CA ALA A 248 -9.60 8.34 -1.45
C ALA A 248 -11.12 8.34 -1.46
N LEU A 249 -11.75 9.10 -0.55
CA LEU A 249 -13.20 9.25 -0.51
C LEU A 249 -13.74 9.94 -1.75
N ARG A 250 -12.97 10.84 -2.35
CA ARG A 250 -13.33 11.56 -3.55
C ARG A 250 -13.47 10.61 -4.76
N ILE A 251 -12.47 9.76 -4.87
CA ILE A 251 -12.40 8.76 -5.92
C ILE A 251 -13.56 7.77 -5.70
N ALA A 252 -13.65 7.20 -4.51
CA ALA A 252 -14.62 6.19 -4.16
C ALA A 252 -16.06 6.54 -4.51
N ARG A 253 -16.49 7.77 -4.23
CA ARG A 253 -17.85 8.19 -4.52
C ARG A 253 -18.14 8.51 -5.97
N GLN A 254 -17.17 8.36 -6.83
CA GLN A 254 -17.21 8.56 -8.25
C GLN A 254 -17.32 7.18 -8.93
N MET A 255 -17.00 6.12 -8.18
CA MET A 255 -16.94 4.81 -8.82
C MET A 255 -18.33 4.31 -9.16
N THR A 256 -18.38 3.53 -10.22
CA THR A 256 -19.60 3.05 -10.87
C THR A 256 -19.95 1.59 -10.78
N THR A 257 -18.97 0.70 -10.69
CA THR A 257 -19.22 -0.73 -10.65
C THR A 257 -19.73 -1.24 -9.31
N SER A 258 -19.45 -0.56 -8.21
CA SER A 258 -19.92 -1.03 -6.90
C SER A 258 -19.42 -0.10 -5.80
N ARG A 259 -19.90 -0.31 -4.59
CA ARG A 259 -19.42 0.43 -3.44
C ARG A 259 -17.93 0.10 -3.30
N LYS A 260 -17.13 1.10 -3.02
CA LYS A 260 -15.71 0.89 -2.76
C LYS A 260 -15.48 1.20 -1.28
N LYS A 261 -14.59 0.45 -0.65
CA LYS A 261 -14.25 0.72 0.74
C LYS A 261 -12.95 1.51 0.86
N VAL A 262 -12.91 2.45 1.80
CA VAL A 262 -11.73 3.25 2.09
C VAL A 262 -11.22 2.77 3.45
N LEU A 263 -10.07 2.12 3.42
CA LEU A 263 -9.39 1.56 4.56
C LEU A 263 -7.92 1.98 4.57
N PRO A 264 -7.64 3.14 5.16
CA PRO A 264 -6.29 3.65 5.18
C PRO A 264 -5.29 2.76 5.92
N TYR A 265 -4.06 2.64 5.38
CA TYR A 265 -3.04 1.87 6.05
C TYR A 265 -2.42 2.75 7.14
N TYR A 266 -2.36 2.27 8.38
CA TYR A 266 -1.93 3.03 9.52
C TYR A 266 -0.79 2.36 10.30
N TRP A 267 0.26 3.13 10.63
CA TRP A 267 1.43 2.59 11.30
C TRP A 267 1.54 3.23 12.68
N TYR A 268 1.92 2.44 13.69
CA TYR A 268 2.07 2.98 15.03
C TYR A 268 3.45 3.55 15.35
N LYS A 269 4.38 3.63 14.40
CA LYS A 269 5.67 4.24 14.59
C LYS A 269 5.77 5.52 13.73
N TYR A 270 6.60 6.45 14.18
CA TYR A 270 6.90 7.61 13.31
C TYR A 270 7.84 7.07 12.25
N GLN A 271 7.54 7.29 11.00
CA GLN A 271 8.35 6.78 9.89
C GLN A 271 9.72 7.41 9.86
N ASP A 272 9.88 8.66 10.25
CA ASP A 272 11.19 9.32 10.30
C ASP A 272 11.93 9.12 11.62
N ARG A 273 11.35 8.39 12.55
CA ARG A 273 11.89 8.18 13.90
C ARG A 273 11.33 6.86 14.40
N ARG A 274 11.68 5.77 13.73
CA ARG A 274 11.14 4.44 13.94
C ARG A 274 11.23 3.84 15.33
N ASP A 275 12.06 4.29 16.25
CA ASP A 275 12.08 3.72 17.58
C ASP A 275 11.10 4.39 18.53
N THR A 276 10.27 5.28 18.02
CA THR A 276 9.27 5.97 18.82
C THR A 276 7.88 5.59 18.32
N ASP A 277 7.10 5.14 19.29
CA ASP A 277 5.71 4.77 19.05
C ASP A 277 4.90 6.08 19.10
N LEU A 278 3.75 6.07 18.44
CA LEU A 278 2.93 7.25 18.36
C LEU A 278 2.48 7.65 19.76
N SER A 279 2.45 8.97 19.98
CA SER A 279 2.00 9.51 21.26
C SER A 279 0.51 9.26 21.36
N ARG A 280 -0.05 9.32 22.56
CA ARG A 280 -1.48 9.24 22.78
C ARG A 280 -2.21 10.39 22.07
N ALA A 281 -1.67 11.61 22.13
CA ALA A 281 -2.30 12.76 21.47
C ALA A 281 -2.38 12.55 19.96
N ASP A 282 -1.35 12.04 19.30
CA ASP A 282 -1.42 11.81 17.85
C ASP A 282 -2.43 10.69 17.53
N LEU A 283 -2.45 9.58 18.28
CA LEU A 283 -3.40 8.51 18.04
C LEU A 283 -4.83 9.03 18.05
N GLU A 284 -5.22 9.76 19.10
CA GLU A 284 -6.57 10.30 19.20
C GLU A 284 -6.91 11.28 18.08
N ALA A 285 -6.10 12.31 17.86
CA ALA A 285 -6.43 13.26 16.80
C ALA A 285 -6.49 12.60 15.42
N THR A 286 -5.55 11.75 15.07
CA THR A 286 -5.51 11.13 13.75
C THR A 286 -6.60 10.06 13.57
N LEU A 287 -6.92 9.24 14.55
CA LEU A 287 -8.01 8.28 14.42
C LEU A 287 -9.37 8.98 14.45
N ARG A 288 -9.46 10.13 15.13
CA ARG A 288 -10.69 10.91 15.11
C ARG A 288 -10.91 11.46 13.71
N LYS A 289 -9.81 11.86 13.03
CA LYS A 289 -9.96 12.41 11.69
C LYS A 289 -10.46 11.38 10.68
N ILE A 290 -9.93 10.16 10.72
CA ILE A 290 -10.34 9.10 9.79
C ILE A 290 -11.82 8.80 9.94
N THR A 291 -12.27 8.70 11.17
CA THR A 291 -13.64 8.48 11.60
C THR A 291 -14.58 9.59 11.21
N ASP A 292 -14.18 10.84 11.40
CA ASP A 292 -15.03 11.98 11.05
C ASP A 292 -15.27 12.14 9.58
N LEU A 293 -14.30 11.82 8.74
CA LEU A 293 -14.38 11.92 7.31
C LEU A 293 -15.28 10.87 6.67
N GLY A 294 -15.56 9.78 7.36
CA GLY A 294 -16.46 8.78 6.77
C GLY A 294 -15.71 7.60 6.19
N ALA A 295 -14.43 7.40 6.54
CA ALA A 295 -13.76 6.21 6.00
C ALA A 295 -14.50 4.99 6.57
N ASP A 296 -14.30 3.82 6.02
CA ASP A 296 -14.93 2.58 6.44
C ASP A 296 -14.17 1.81 7.51
N GLY A 297 -13.02 2.30 7.97
CA GLY A 297 -12.21 1.56 8.95
C GLY A 297 -10.75 1.88 8.65
N PHE A 298 -9.80 1.14 9.18
CA PHE A 298 -8.39 1.36 8.87
C PHE A 298 -7.66 0.06 9.18
N ILE A 299 -6.43 -0.09 8.67
CA ILE A 299 -5.65 -1.29 8.85
C ILE A 299 -4.35 -0.98 9.59
N ILE A 300 -4.23 -1.64 10.76
CA ILE A 300 -3.03 -1.38 11.57
C ILE A 300 -1.88 -2.23 11.05
N TRP A 301 -0.77 -1.63 10.64
CA TRP A 301 0.37 -2.40 10.15
C TRP A 301 1.59 -2.30 11.07
N GLY A 302 2.53 -3.22 10.90
CA GLY A 302 3.80 -3.21 11.60
C GLY A 302 4.88 -3.92 10.79
N SER A 303 6.13 -3.62 11.06
CA SER A 303 7.28 -4.22 10.41
C SER A 303 7.88 -5.34 11.24
N SER A 304 8.41 -6.37 10.57
CA SER A 304 9.07 -7.51 11.17
C SER A 304 10.23 -7.10 12.06
N ASP A 305 10.96 -6.08 11.60
CA ASP A 305 12.13 -5.56 12.31
C ASP A 305 11.82 -4.92 13.65
N ASP A 306 10.55 -4.64 13.98
CA ASP A 306 10.19 -4.02 15.24
C ASP A 306 9.68 -4.98 16.29
N ILE A 307 9.51 -6.26 15.97
CA ILE A 307 9.09 -7.28 16.91
C ILE A 307 9.78 -8.61 16.59
N ASN A 308 11.09 -8.59 16.38
CA ASN A 308 11.81 -9.80 16.01
C ASN A 308 12.72 -10.27 17.14
N THR A 309 12.38 -9.93 18.39
CA THR A 309 13.12 -10.35 19.57
C THR A 309 12.05 -10.46 20.68
N LYS A 310 12.38 -11.16 21.75
CA LYS A 310 11.43 -11.31 22.86
C LYS A 310 11.23 -9.94 23.52
N ALA A 311 12.32 -9.18 23.68
CA ALA A 311 12.18 -7.88 24.31
C ALA A 311 11.28 -6.98 23.47
N LYS A 312 11.38 -6.99 22.14
CA LYS A 312 10.53 -6.10 21.33
C LYS A 312 9.06 -6.51 21.41
N CYS A 313 8.79 -7.82 21.46
CA CYS A 313 7.43 -8.29 21.63
C CYS A 313 6.74 -7.85 22.92
N LEU A 314 7.45 -7.92 24.05
CA LEU A 314 6.86 -7.57 25.35
C LEU A 314 6.55 -6.09 25.44
N GLN A 315 7.48 -5.29 24.91
CA GLN A 315 7.29 -3.84 24.89
C GLN A 315 6.12 -3.49 23.96
N PHE A 316 6.03 -4.14 22.79
CA PHE A 316 4.92 -3.84 21.88
C PHE A 316 3.61 -4.19 22.59
N ARG A 317 3.56 -5.38 23.22
CA ARG A 317 2.37 -5.79 23.92
C ARG A 317 1.94 -4.79 25.00
N GLU A 318 2.89 -4.17 25.66
CA GLU A 318 2.71 -3.14 26.68
C GLU A 318 2.14 -1.88 26.04
N TYR A 319 2.68 -1.47 24.91
CA TYR A 319 2.16 -0.31 24.17
C TYR A 319 0.74 -0.56 23.70
N LEU A 320 0.50 -1.79 23.22
CA LEU A 320 -0.82 -2.17 22.76
C LEU A 320 -1.88 -2.02 23.85
N ASN A 321 -1.63 -2.62 25.02
CA ASN A 321 -2.58 -2.57 26.11
C ASN A 321 -2.65 -1.24 26.80
N ASN A 322 -1.59 -0.45 26.83
CA ASN A 322 -1.71 0.84 27.50
C ASN A 322 -2.17 1.97 26.60
N GLU A 323 -1.89 1.94 25.29
CA GLU A 323 -2.25 3.09 24.47
C GLU A 323 -3.00 2.82 23.17
N LEU A 324 -2.35 2.07 22.25
CA LEU A 324 -2.99 1.81 20.98
C LEU A 324 -4.38 1.21 21.09
N GLY A 325 -4.47 0.05 21.73
CA GLY A 325 -5.71 -0.70 21.90
C GLY A 325 -6.83 0.19 22.44
N PRO A 326 -6.64 0.78 23.61
CA PRO A 326 -7.60 1.66 24.24
C PRO A 326 -8.00 2.83 23.37
N ALA A 327 -7.07 3.45 22.66
CA ALA A 327 -7.37 4.51 21.70
C ALA A 327 -8.28 4.01 20.59
N VAL A 328 -8.04 2.82 20.08
CA VAL A 328 -8.86 2.29 18.98
C VAL A 328 -10.25 1.98 19.50
N LYS A 329 -10.33 1.38 20.69
CA LYS A 329 -11.63 1.08 21.28
C LYS A 329 -12.43 2.32 21.64
N ARG A 330 -11.84 3.38 22.17
CA ARG A 330 -12.64 4.55 22.58
C ARG A 330 -12.93 5.57 21.48
N ILE A 331 -12.07 5.70 20.47
CA ILE A 331 -12.31 6.68 19.41
C ILE A 331 -13.06 6.03 18.24
N ALA A 332 -12.59 4.86 17.83
CA ALA A 332 -13.09 4.21 16.65
C ALA A 332 -14.17 3.17 16.80
N LEU A 333 -14.15 2.36 17.85
CA LEU A 333 -15.15 1.29 17.94
C LEU A 333 -16.19 1.54 19.03
#